data_9GIB
#
_entry.id   9GIB
#
_cell.length_a   53.972
_cell.length_b   90.036
_cell.length_c   123.174
_cell.angle_alpha   90
_cell.angle_beta   90
_cell.angle_gamma   90
#
_symmetry.space_group_name_H-M   'P 21 21 21'
#
loop_
_entity.id
_entity.type
_entity.pdbx_description
1 polymer 'Glutamate receptor'
2 polymer 'Isoform 1 of Glutamate receptor ionotropic, NMDA 1'
3 non-polymer GLYCEROL
4 non-polymer 'GLUTAMIC ACID'
5 non-polymer '(2~{R})-2-azanyl-3-[[3-(5-ethyl-1,2-oxazol-4-yl)-5-fluoranyl-phenyl]carbonylamino]propanoic acid'
6 non-polymer 'SULFATE ION'
7 water water
#
loop_
_entity_poly.entity_id
_entity_poly.type
_entity_poly.pdbx_seq_one_letter_code
_entity_poly.pdbx_strand_id
1 'polypeptide(L)'
;GSPDDNHLSIVTLEEAPFVIVEDIDPLTETCVRNTVPCRKFVKINNSTNEGMNVKKCCKGFCIDILKKLSRTVKFTYDLY
LVTNGKHGKKVNNVWNGMIGEVVYQRAVMAVGSLTINEERSEVVDFSVPFVETGISVMVSRGTQVTGLSDKKFQRPHDYS
PPFRFGTVPNGSTERNIRNNYPYMHQYMTRFNQRGVEDALVSLKTGKLDAFIYDAAVLNYKAGRDEGCKLVTIGSGYIFA
TTGYGIALQKGSPWKRQIDLALLQFVGDGEMEELETLWLTGICHN
;
A
2 'polypeptide(L)'
;MSTRLKIVTIHQEPFVYVKPTLSDGTCKEEFTVNGDPVKKVICTGPNDTSPGSPRHTVPQCCYGFCIDLLIKLARTMNFT
YEVHLVADGKFGTQERVNNSNKKEWNGMMGELLSGQADMIVAPLTINNERAQYIEFSKPFKYQGLTILVKKGTRITGIND
PRLRNPSDKFIYATVKQSSVDIYFRRQVELSTMYRHMEKHNYESAAEAIQAVRDNKLHAFIWDSAVLEFEASQKCDLVTT
GELFFRSGFGIGMRKDSPWKQNVSLSILKSHENGFMEDLDKTWVRYQECDS
;
B
#
# COMPACT_ATOMS: atom_id res chain seq x y z
N PRO A 3 5.86 28.80 3.36
CA PRO A 3 7.06 29.51 3.00
C PRO A 3 8.06 29.87 4.10
N ASP A 4 7.60 30.06 5.35
CA ASP A 4 8.51 30.43 6.44
C ASP A 4 9.23 29.20 6.99
N ASP A 5 10.50 29.40 7.36
CA ASP A 5 11.39 28.33 7.85
C ASP A 5 11.27 27.09 6.96
N ASN A 6 11.52 27.31 5.66
CA ASN A 6 11.32 26.29 4.66
C ASN A 6 12.64 25.80 4.06
N HIS A 7 13.78 26.01 4.75
CA HIS A 7 15.04 25.35 4.41
C HIS A 7 15.26 24.19 5.39
N LEU A 8 15.11 22.95 4.90
CA LEU A 8 14.93 21.79 5.78
C LEU A 8 16.15 20.87 5.74
N SER A 9 16.55 20.40 6.92
CA SER A 9 17.52 19.33 7.04
C SER A 9 16.85 17.99 6.70
N ILE A 10 17.43 17.27 5.74
CA ILE A 10 16.84 16.03 5.24
C ILE A 10 17.94 14.97 5.19
N VAL A 11 17.58 13.78 5.68
CA VAL A 11 18.51 12.67 5.79
C VAL A 11 18.08 11.61 4.78
N THR A 12 19.08 10.92 4.23
CA THR A 12 18.87 9.81 3.31
C THR A 12 19.98 8.78 3.52
N LEU A 13 19.97 7.74 2.70
CA LEU A 13 20.78 6.55 2.92
C LEU A 13 20.89 5.88 1.57
N GLU A 14 22.11 5.53 1.16
CA GLU A 14 22.32 4.89 -0.13
C GLU A 14 21.68 3.51 -0.18
N GLU A 15 20.89 3.27 -1.23
CA GLU A 15 20.31 1.97 -1.50
C GLU A 15 19.71 1.99 -2.90
N ALA A 16 20.48 1.50 -3.88
CA ALA A 16 20.08 1.58 -5.27
C ALA A 16 18.85 0.71 -5.48
N PRO A 17 17.90 1.06 -6.37
CA PRO A 17 17.92 2.29 -7.14
C PRO A 17 17.19 3.47 -6.50
N PHE A 18 16.86 3.35 -5.21
CA PHE A 18 16.08 4.39 -4.55
C PHE A 18 16.93 5.60 -4.23
N VAL A 19 18.15 5.36 -3.76
CA VAL A 19 19.13 6.43 -3.56
C VAL A 19 20.49 5.90 -4.00
N ILE A 20 21.10 6.63 -4.95
CA ILE A 20 22.39 6.29 -5.53
C ILE A 20 23.34 7.45 -5.28
N VAL A 21 24.53 7.17 -4.75
CA VAL A 21 25.49 8.22 -4.38
C VAL A 21 26.66 8.16 -5.33
N GLU A 22 27.02 9.31 -5.91
CA GLU A 22 28.19 9.44 -6.77
C GLU A 22 29.14 10.49 -6.20
N ASP A 23 30.40 10.37 -6.60
CA ASP A 23 31.43 11.35 -6.27
C ASP A 23 31.21 12.57 -7.15
N ILE A 24 31.40 13.73 -6.54
CA ILE A 24 31.22 15.00 -7.25
C ILE A 24 32.43 15.23 -8.15
N ASP A 25 32.24 15.98 -9.23
CA ASP A 25 33.36 16.41 -10.04
C ASP A 25 34.24 17.35 -9.21
N PRO A 26 35.52 16.99 -8.90
CA PRO A 26 36.34 17.77 -7.96
C PRO A 26 36.82 19.13 -8.45
N LEU A 27 36.98 19.29 -9.77
CA LEU A 27 37.31 20.57 -10.39
C LEU A 27 36.15 21.58 -10.22
N THR A 28 34.90 21.12 -10.33
CA THR A 28 33.75 22.01 -10.29
C THR A 28 33.09 22.03 -8.91
N GLU A 29 33.08 20.89 -8.20
CA GLU A 29 32.36 20.74 -6.94
C GLU A 29 30.87 21.07 -7.16
N THR A 30 30.38 20.79 -8.38
CA THR A 30 28.98 20.96 -8.71
C THR A 30 28.42 19.60 -9.14
N CYS A 31 27.24 19.29 -8.61
CA CYS A 31 26.49 18.13 -9.04
C CYS A 31 25.74 18.50 -10.31
N VAL A 32 25.75 17.60 -11.30
CA VAL A 32 25.22 17.91 -12.62
C VAL A 32 23.98 17.06 -12.87
N ARG A 33 23.28 17.37 -13.97
CA ARG A 33 22.30 16.50 -14.58
C ARG A 33 21.14 16.20 -13.61
N ASN A 34 20.81 14.92 -13.42
CA ASN A 34 19.66 14.50 -12.65
C ASN A 34 20.00 14.34 -11.16
N THR A 35 21.13 14.91 -10.69
CA THR A 35 21.62 14.65 -9.34
C THR A 35 21.39 15.86 -8.46
N VAL A 36 21.44 15.64 -7.14
CA VAL A 36 21.29 16.72 -6.19
C VAL A 36 22.44 16.65 -5.20
N PRO A 37 22.88 17.81 -4.66
CA PRO A 37 23.93 17.80 -3.64
C PRO A 37 23.51 17.02 -2.38
N CYS A 38 24.42 16.17 -1.91
CA CYS A 38 24.25 15.49 -0.65
C CYS A 38 25.58 15.37 0.04
N ARG A 39 25.61 15.63 1.35
CA ARG A 39 26.85 15.63 2.09
C ARG A 39 26.93 14.39 2.98
N LYS A 40 28.17 14.01 3.28
CA LYS A 40 28.45 12.87 4.13
C LYS A 40 29.58 13.29 5.07
N PHE A 41 29.32 13.12 6.36
CA PHE A 41 30.30 13.37 7.38
C PHE A 41 31.26 12.19 7.46
N VAL A 42 32.55 12.42 7.21
CA VAL A 42 33.56 11.37 7.19
C VAL A 42 34.61 11.68 8.25
N LYS A 43 34.92 10.70 9.10
CA LYS A 43 35.83 10.87 10.23
C LYS A 43 37.26 10.98 9.73
N ILE A 44 38.07 11.78 10.47
CA ILE A 44 39.48 11.94 10.22
C ILE A 44 40.21 10.64 10.58
N ASN A 45 39.86 10.07 11.74
CA ASN A 45 40.40 8.80 12.20
C ASN A 45 39.42 8.18 13.21
N ASN A 46 39.80 7.06 13.84
CA ASN A 46 38.97 6.41 14.85
C ASN A 46 39.35 6.74 16.31
N SER A 47 40.26 7.68 16.51
CA SER A 47 40.63 8.15 17.84
C SER A 47 40.02 9.51 18.10
N THR A 48 38.97 9.87 17.34
CA THR A 48 38.52 11.25 17.28
C THR A 48 37.06 11.33 16.85
N ASN A 49 36.40 12.41 17.32
CA ASN A 49 35.10 12.81 16.82
C ASN A 49 35.23 13.75 15.63
N GLU A 50 36.45 14.22 15.38
CA GLU A 50 36.77 15.12 14.27
C GLU A 50 36.40 14.47 12.93
N GLY A 51 35.76 15.24 12.08
CA GLY A 51 35.46 14.77 10.74
C GLY A 51 35.17 15.93 9.83
N MET A 52 34.95 15.65 8.54
CA MET A 52 34.61 16.68 7.59
C MET A 52 33.49 16.22 6.65
N ASN A 53 32.65 17.19 6.28
CA ASN A 53 31.58 16.95 5.33
C ASN A 53 32.18 16.80 3.95
N VAL A 54 31.92 15.67 3.32
CA VAL A 54 32.31 15.50 1.94
C VAL A 54 31.11 15.80 1.06
N LYS A 55 31.32 16.64 0.05
CA LYS A 55 30.29 16.93 -0.94
C LYS A 55 30.15 15.78 -1.93
N LYS A 56 28.94 15.19 -1.99
CA LYS A 56 28.63 14.13 -2.92
C LYS A 56 27.38 14.51 -3.71
N CYS A 57 26.99 13.60 -4.60
CA CYS A 57 25.85 13.79 -5.48
C CYS A 57 24.96 12.58 -5.33
N CYS A 58 23.66 12.85 -5.27
CA CYS A 58 22.66 11.84 -5.00
C CYS A 58 21.64 11.84 -6.13
N LYS A 59 21.16 10.64 -6.48
CA LYS A 59 20.09 10.51 -7.45
C LYS A 59 19.32 9.23 -7.17
N GLY A 60 18.21 9.02 -7.87
CA GLY A 60 17.44 7.80 -7.80
C GLY A 60 15.95 8.07 -7.61
N PHE A 61 15.20 6.98 -7.47
CA PHE A 61 13.74 7.04 -7.39
C PHE A 61 13.32 8.01 -6.28
N CYS A 62 13.86 7.82 -5.07
CA CYS A 62 13.50 8.62 -3.91
C CYS A 62 14.00 10.05 -4.00
N ILE A 63 15.12 10.26 -4.70
CA ILE A 63 15.65 11.60 -4.91
C ILE A 63 14.74 12.36 -5.87
N ASP A 64 14.21 11.70 -6.90
CA ASP A 64 13.21 12.33 -7.77
C ASP A 64 11.93 12.64 -7.00
N ILE A 65 11.52 11.76 -6.07
CA ILE A 65 10.39 12.07 -5.21
C ILE A 65 10.68 13.35 -4.42
N LEU A 66 11.89 13.48 -3.86
CA LEU A 66 12.24 14.66 -3.06
C LEU A 66 12.20 15.94 -3.89
N LYS A 67 12.69 15.85 -5.13
CA LYS A 67 12.70 16.96 -6.05
C LYS A 67 11.29 17.46 -6.34
N LYS A 68 10.36 16.53 -6.63
CA LYS A 68 8.95 16.85 -6.83
C LYS A 68 8.30 17.45 -5.58
N LEU A 69 8.59 16.87 -4.41
CA LEU A 69 8.06 17.35 -3.14
C LEU A 69 8.54 18.77 -2.86
N SER A 70 9.85 19.00 -3.06
CA SER A 70 10.46 20.31 -2.86
C SER A 70 9.74 21.37 -3.70
N ARG A 71 9.55 21.07 -4.98
CA ARG A 71 8.82 21.95 -5.88
C ARG A 71 7.34 22.08 -5.48
N THR A 72 6.68 20.96 -5.14
CA THR A 72 5.23 21.01 -4.94
C THR A 72 4.90 21.64 -3.58
N VAL A 73 5.70 21.34 -2.56
CA VAL A 73 5.41 21.72 -1.19
C VAL A 73 6.13 23.02 -0.88
N LYS A 74 7.09 23.42 -1.72
CA LYS A 74 7.74 24.72 -1.64
C LYS A 74 8.67 24.81 -0.42
N PHE A 75 9.67 23.92 -0.43
CA PHE A 75 10.72 23.95 0.59
C PHE A 75 12.03 23.78 -0.15
N THR A 76 13.12 24.24 0.48
CA THR A 76 14.46 23.96 0.02
C THR A 76 15.02 23.02 1.07
N TYR A 77 16.17 22.43 0.77
CA TYR A 77 16.75 21.47 1.70
C TYR A 77 18.26 21.36 1.60
N ASP A 78 18.83 20.85 2.71
CA ASP A 78 20.21 20.41 2.83
C ASP A 78 20.21 18.91 3.11
N LEU A 79 20.61 18.13 2.10
CA LEU A 79 20.49 16.68 2.12
C LEU A 79 21.80 16.09 2.64
N TYR A 80 21.66 15.15 3.56
CA TYR A 80 22.84 14.47 4.09
C TYR A 80 22.58 12.99 4.25
N LEU A 81 23.69 12.24 4.18
CA LEU A 81 23.68 10.81 4.33
C LEU A 81 23.90 10.46 5.80
N VAL A 82 23.07 9.55 6.30
CA VAL A 82 23.16 9.13 7.70
C VAL A 82 24.48 8.40 7.90
N THR A 83 25.10 8.56 9.08
CA THR A 83 26.33 7.83 9.40
C THR A 83 26.20 7.00 10.67
N ASN A 84 25.25 7.33 11.54
CA ASN A 84 24.99 6.56 12.75
C ASN A 84 24.00 5.45 12.42
N GLY A 85 24.50 4.29 11.95
CA GLY A 85 23.67 3.16 11.53
C GLY A 85 22.97 3.45 10.20
N LYS A 86 21.89 2.73 9.92
CA LYS A 86 21.35 2.64 8.56
C LYS A 86 19.90 3.13 8.53
N HIS A 87 18.95 2.24 8.26
CA HIS A 87 17.57 2.66 8.09
C HIS A 87 16.98 3.10 9.44
N GLY A 88 17.11 2.23 10.44
CA GLY A 88 16.69 2.58 11.77
C GLY A 88 16.52 1.34 12.64
N LYS A 89 17.18 1.37 13.79
CA LYS A 89 16.99 0.34 14.78
C LYS A 89 17.04 0.96 16.17
N LYS A 90 16.19 0.43 17.06
CA LYS A 90 16.19 0.79 18.47
C LYS A 90 17.21 -0.09 19.21
N VAL A 91 18.22 0.56 19.80
CA VAL A 91 19.29 -0.15 20.49
C VAL A 91 19.38 0.42 21.90
N ASN A 92 19.13 -0.44 22.90
CA ASN A 92 19.07 0.00 24.28
C ASN A 92 18.10 1.18 24.40
N ASN A 93 16.94 1.05 23.76
CA ASN A 93 15.87 2.04 23.83
C ASN A 93 16.26 3.38 23.19
N VAL A 94 17.20 3.37 22.24
CA VAL A 94 17.61 4.58 21.53
C VAL A 94 17.70 4.32 20.03
N TRP A 95 16.94 5.08 19.24
CA TRP A 95 16.86 4.94 17.79
C TRP A 95 18.13 5.46 17.11
N ASN A 96 18.71 4.64 16.23
CA ASN A 96 19.80 5.03 15.35
C ASN A 96 19.27 5.17 13.92
N GLY A 97 20.17 5.38 12.96
CA GLY A 97 19.82 5.43 11.55
C GLY A 97 19.00 6.66 11.19
N MET A 98 18.33 6.58 10.04
CA MET A 98 17.50 7.66 9.58
C MET A 98 16.40 7.95 10.60
N ILE A 99 15.82 6.91 11.19
CA ILE A 99 14.76 7.11 12.18
C ILE A 99 15.30 7.96 13.33
N GLY A 100 16.51 7.59 13.83
CA GLY A 100 17.14 8.30 14.93
C GLY A 100 17.38 9.78 14.61
N GLU A 101 17.74 10.07 13.35
CA GLU A 101 18.06 11.42 12.96
C GLU A 101 16.79 12.29 13.04
N VAL A 102 15.63 11.71 12.71
CA VAL A 102 14.34 12.39 12.79
C VAL A 102 13.91 12.50 14.26
N VAL A 103 13.95 11.39 15.01
CA VAL A 103 13.54 11.40 16.42
C VAL A 103 14.29 12.48 17.20
N TYR A 104 15.61 12.57 17.02
CA TYR A 104 16.45 13.47 17.81
C TYR A 104 16.62 14.82 17.11
N GLN A 105 15.76 15.11 16.12
CA GLN A 105 15.58 16.43 15.52
C GLN A 105 16.82 16.97 14.80
N ARG A 106 17.67 16.08 14.27
CA ARG A 106 18.75 16.51 13.41
C ARG A 106 18.26 16.64 11.96
N ALA A 107 17.21 15.91 11.62
CA ALA A 107 16.56 15.97 10.32
C ALA A 107 15.07 16.25 10.50
N VAL A 108 14.55 17.08 9.61
CA VAL A 108 13.13 17.36 9.56
C VAL A 108 12.41 16.17 8.95
N MET A 109 13.05 15.54 7.97
CA MET A 109 12.49 14.34 7.38
C MET A 109 13.60 13.44 6.86
N ALA A 110 13.22 12.19 6.66
CA ALA A 110 14.08 11.16 6.13
C ALA A 110 13.46 10.67 4.84
N VAL A 111 14.26 10.65 3.77
CA VAL A 111 13.80 10.23 2.47
C VAL A 111 14.70 9.11 1.99
N GLY A 112 14.09 7.97 1.66
CA GLY A 112 14.84 6.82 1.18
C GLY A 112 14.00 5.54 1.18
N SER A 113 14.72 4.42 1.21
CA SER A 113 14.09 3.11 1.16
C SER A 113 13.72 2.69 2.57
N LEU A 114 12.88 3.52 3.22
CA LEU A 114 12.63 3.42 4.65
C LEU A 114 11.25 2.82 4.88
N THR A 115 11.23 1.59 5.41
CA THR A 115 10.01 0.83 5.59
C THR A 115 9.15 1.36 6.73
N ILE A 116 7.84 1.52 6.44
CA ILE A 116 6.86 1.87 7.46
C ILE A 116 6.56 0.62 8.29
N ASN A 117 6.79 0.70 9.61
CA ASN A 117 6.31 -0.31 10.53
C ASN A 117 5.75 0.35 11.80
N GLU A 118 5.11 -0.49 12.61
CA GLU A 118 4.43 -0.04 13.82
C GLU A 118 5.42 0.57 14.80
N GLU A 119 6.57 -0.05 15.07
CA GLU A 119 7.47 0.44 16.13
C GLU A 119 8.08 1.80 15.76
N ARG A 120 8.42 2.00 14.47
CA ARG A 120 8.90 3.28 14.01
C ARG A 120 7.79 4.33 14.02
N SER A 121 6.55 3.92 13.74
CA SER A 121 5.40 4.83 13.70
C SER A 121 5.08 5.41 15.08
N GLU A 122 5.57 4.74 16.14
CA GLU A 122 5.38 5.20 17.51
C GLU A 122 6.25 6.43 17.78
N VAL A 123 7.38 6.59 17.06
CA VAL A 123 8.35 7.63 17.34
C VAL A 123 8.49 8.66 16.22
N VAL A 124 8.01 8.34 15.00
CA VAL A 124 8.01 9.30 13.91
C VAL A 124 6.63 9.24 13.26
N ASP A 125 6.28 10.29 12.53
CA ASP A 125 5.13 10.28 11.66
C ASP A 125 5.58 9.83 10.27
N PHE A 126 4.80 8.98 9.61
CA PHE A 126 5.16 8.59 8.26
C PHE A 126 4.17 9.22 7.31
N SER A 127 4.65 9.62 6.14
CA SER A 127 3.77 9.94 5.03
C SER A 127 2.97 8.71 4.65
N VAL A 128 2.02 8.91 3.71
CA VAL A 128 1.47 7.79 2.98
C VAL A 128 2.58 6.98 2.32
N PRO A 129 2.38 5.66 2.12
CA PRO A 129 3.34 4.85 1.38
C PRO A 129 3.41 5.29 -0.08
N PHE A 130 4.65 5.45 -0.61
CA PHE A 130 4.86 5.87 -1.99
C PHE A 130 5.49 4.77 -2.85
N VAL A 131 6.09 3.74 -2.22
CA VAL A 131 6.49 2.51 -2.89
C VAL A 131 5.94 1.34 -2.10
N GLU A 132 5.27 0.40 -2.77
CA GLU A 132 4.77 -0.78 -2.07
C GLU A 132 5.91 -1.75 -1.78
N THR A 133 5.94 -2.31 -0.56
CA THR A 133 6.98 -3.27 -0.21
C THR A 133 6.45 -4.22 0.85
N GLY A 134 7.41 -4.95 1.42
CA GLY A 134 7.19 -5.88 2.50
C GLY A 134 8.40 -6.81 2.49
N ILE A 135 8.17 -8.09 2.77
CA ILE A 135 9.20 -9.08 2.90
C ILE A 135 9.00 -10.11 1.79
N SER A 136 10.02 -10.24 0.93
CA SER A 136 10.07 -11.30 -0.05
C SER A 136 11.28 -12.19 0.21
N VAL A 137 11.33 -13.27 -0.55
CA VAL A 137 12.38 -14.26 -0.48
C VAL A 137 12.94 -14.43 -1.87
N MET A 138 14.27 -14.34 -1.99
CA MET A 138 14.93 -14.56 -3.25
C MET A 138 15.63 -15.92 -3.24
N VAL A 139 15.47 -16.66 -4.34
CA VAL A 139 16.11 -17.96 -4.53
C VAL A 139 16.70 -18.05 -5.95
N SER A 140 17.50 -19.11 -6.22
CA SER A 140 17.81 -19.47 -7.61
C SER A 140 16.60 -20.16 -8.22
N ARG A 141 16.31 -19.84 -9.49
CA ARG A 141 15.12 -20.35 -10.16
C ARG A 141 15.02 -21.85 -9.96
N GLY A 142 13.79 -22.35 -9.71
CA GLY A 142 13.58 -23.78 -9.51
C GLY A 142 13.47 -24.19 -8.04
N THR A 143 14.14 -23.45 -7.14
CA THR A 143 14.01 -23.72 -5.71
C THR A 143 12.54 -23.63 -5.30
N GLN A 144 12.06 -24.69 -4.64
CA GLN A 144 10.68 -24.80 -4.19
C GLN A 144 10.58 -24.37 -2.73
N VAL A 145 10.06 -23.16 -2.51
CA VAL A 145 9.66 -22.70 -1.19
C VAL A 145 8.39 -21.87 -1.34
N THR A 146 7.48 -22.00 -0.37
CA THR A 146 6.14 -21.43 -0.45
C THR A 146 6.13 -19.96 -0.08
N GLY A 147 7.09 -19.51 0.75
CA GLY A 147 7.09 -18.17 1.32
C GLY A 147 7.82 -18.15 2.67
N LEU A 148 7.76 -17.00 3.38
CA LEU A 148 8.31 -16.87 4.73
C LEU A 148 7.82 -18.00 5.63
N SER A 149 6.54 -18.36 5.44
CA SER A 149 5.81 -19.28 6.30
C SER A 149 6.17 -20.75 6.03
N ASP A 150 7.00 -21.03 5.02
CA ASP A 150 7.39 -22.40 4.75
C ASP A 150 8.08 -23.03 5.97
N LYS A 151 7.81 -24.33 6.16
CA LYS A 151 8.33 -25.07 7.30
C LYS A 151 9.85 -25.26 7.21
N LYS A 152 10.44 -25.10 6.01
CA LYS A 152 11.88 -25.15 5.83
C LYS A 152 12.55 -23.93 6.46
N PHE A 153 11.80 -22.83 6.57
CA PHE A 153 12.24 -21.65 7.30
C PHE A 153 11.86 -21.74 8.78
N GLN A 154 10.62 -22.16 9.08
CA GLN A 154 10.08 -22.09 10.43
C GLN A 154 10.74 -23.12 11.34
N ARG A 155 11.02 -24.31 10.80
CA ARG A 155 11.61 -25.40 11.55
C ARG A 155 12.75 -25.98 10.71
N PRO A 156 13.83 -25.20 10.52
CA PRO A 156 14.85 -25.60 9.55
C PRO A 156 15.53 -26.93 9.88
N HIS A 157 15.69 -27.25 11.16
CA HIS A 157 16.43 -28.44 11.56
C HIS A 157 15.61 -29.74 11.43
N ASP A 158 14.37 -29.64 10.92
CA ASP A 158 13.58 -30.80 10.54
C ASP A 158 14.03 -31.39 9.22
N TYR A 159 14.81 -30.63 8.44
CA TYR A 159 15.28 -31.08 7.15
C TYR A 159 16.78 -31.38 7.27
N SER A 160 17.20 -32.39 6.50
CA SER A 160 18.60 -32.74 6.29
C SER A 160 18.84 -32.75 4.78
N PRO A 161 19.74 -31.87 4.27
CA PRO A 161 20.45 -30.90 5.11
C PRO A 161 19.48 -29.75 5.34
N PRO A 162 19.67 -28.92 6.40
CA PRO A 162 18.82 -27.75 6.59
C PRO A 162 19.07 -26.67 5.53
N PHE A 163 18.02 -25.90 5.24
CA PHE A 163 18.11 -24.76 4.35
C PHE A 163 19.03 -23.70 4.94
N ARG A 164 19.86 -23.08 4.09
CA ARG A 164 20.76 -22.01 4.48
C ARG A 164 20.15 -20.70 3.99
N PHE A 165 19.69 -19.86 4.92
CA PHE A 165 19.01 -18.63 4.52
C PHE A 165 19.29 -17.55 5.56
N GLY A 166 19.35 -16.32 5.09
CA GLY A 166 19.70 -15.17 5.92
C GLY A 166 19.06 -13.88 5.40
N THR A 167 19.23 -12.82 6.20
CA THR A 167 18.82 -11.48 5.83
C THR A 167 20.02 -10.56 6.04
N VAL A 168 19.85 -9.27 5.74
CA VAL A 168 20.76 -8.25 6.21
C VAL A 168 20.22 -7.77 7.56
N PRO A 169 20.98 -7.87 8.67
CA PRO A 169 20.41 -7.55 9.98
C PRO A 169 20.11 -6.07 10.19
N ASN A 170 19.30 -5.78 11.21
CA ASN A 170 19.16 -4.46 11.84
C ASN A 170 18.11 -3.57 11.18
N GLY A 171 17.37 -4.11 10.23
CA GLY A 171 16.33 -3.36 9.55
C GLY A 171 14.95 -3.94 9.86
N SER A 172 13.98 -3.52 9.07
CA SER A 172 12.59 -3.85 9.30
C SER A 172 12.35 -5.35 9.10
N THR A 173 13.09 -5.96 8.16
CA THR A 173 12.91 -7.37 7.87
C THR A 173 13.36 -8.20 9.08
N GLU A 174 14.54 -7.94 9.63
CA GLU A 174 15.03 -8.75 10.74
C GLU A 174 14.13 -8.54 11.97
N ARG A 175 13.64 -7.31 12.17
CA ARG A 175 12.80 -6.99 13.31
C ARG A 175 11.53 -7.83 13.21
N ASN A 176 10.95 -7.89 12.02
CA ASN A 176 9.73 -8.66 11.82
C ASN A 176 9.94 -10.16 12.10
N ILE A 177 11.04 -10.72 11.62
CA ILE A 177 11.32 -12.14 11.81
C ILE A 177 11.58 -12.44 13.29
N ARG A 178 12.32 -11.55 13.97
CA ARG A 178 12.60 -11.69 15.40
C ARG A 178 11.32 -11.73 16.22
N ASN A 179 10.35 -10.90 15.87
CA ASN A 179 9.10 -10.80 16.60
C ASN A 179 8.17 -11.97 16.28
N ASN A 180 8.17 -12.49 15.05
CA ASN A 180 7.17 -13.46 14.61
C ASN A 180 7.64 -14.92 14.66
N TYR A 181 8.93 -15.19 14.40
CA TYR A 181 9.44 -16.55 14.24
C TYR A 181 10.75 -16.72 15.01
N PRO A 182 10.70 -16.87 16.35
CA PRO A 182 11.90 -16.85 17.15
C PRO A 182 12.91 -17.93 16.79
N TYR A 183 12.45 -19.15 16.48
CA TYR A 183 13.39 -20.20 16.18
C TYR A 183 14.10 -19.90 14.86
N MET A 184 13.32 -19.53 13.82
CA MET A 184 13.87 -19.09 12.55
C MET A 184 14.94 -18.01 12.73
N HIS A 185 14.60 -16.99 13.52
CA HIS A 185 15.44 -15.83 13.69
C HIS A 185 16.81 -16.23 14.25
N GLN A 186 16.83 -16.96 15.36
CA GLN A 186 18.07 -17.36 16.03
C GLN A 186 18.90 -18.27 15.13
N TYR A 187 18.24 -19.17 14.40
CA TYR A 187 18.88 -20.01 13.40
C TYR A 187 19.50 -19.19 12.27
N MET A 188 18.80 -18.18 11.76
CA MET A 188 19.24 -17.40 10.61
C MET A 188 20.51 -16.57 10.86
N THR A 189 20.78 -16.20 12.11
CA THR A 189 21.83 -15.24 12.44
C THR A 189 23.18 -15.74 11.94
N ARG A 190 23.37 -17.07 11.97
CA ARG A 190 24.53 -17.72 11.37
C ARG A 190 24.75 -17.24 9.93
N PHE A 191 23.67 -17.01 9.17
CA PHE A 191 23.75 -16.65 7.76
C PHE A 191 23.50 -15.15 7.50
N ASN A 192 23.59 -14.30 8.53
CA ASN A 192 23.45 -12.86 8.36
C ASN A 192 24.39 -12.40 7.26
N GLN A 193 23.91 -11.48 6.39
CA GLN A 193 24.71 -10.91 5.31
C GLN A 193 25.02 -9.44 5.63
N ARG A 194 26.20 -8.98 5.21
CA ARG A 194 26.61 -7.61 5.51
C ARG A 194 25.77 -6.63 4.69
N GLY A 195 25.36 -7.07 3.50
CA GLY A 195 24.60 -6.24 2.59
C GLY A 195 24.00 -7.05 1.45
N VAL A 196 23.18 -6.38 0.65
CA VAL A 196 22.46 -7.01 -0.44
C VAL A 196 23.46 -7.61 -1.42
N GLU A 197 24.53 -6.88 -1.75
CA GLU A 197 25.46 -7.35 -2.76
C GLU A 197 26.13 -8.65 -2.33
N ASP A 198 26.61 -8.71 -1.09
CA ASP A 198 27.13 -9.93 -0.52
C ASP A 198 26.10 -11.05 -0.59
N ALA A 199 24.83 -10.74 -0.27
CA ALA A 199 23.81 -11.77 -0.23
C ALA A 199 23.60 -12.36 -1.63
N LEU A 200 23.58 -11.51 -2.67
CA LEU A 200 23.40 -11.97 -4.04
C LEU A 200 24.58 -12.84 -4.48
N VAL A 201 25.79 -12.48 -4.06
CA VAL A 201 26.95 -13.27 -4.45
C VAL A 201 26.85 -14.64 -3.79
N SER A 202 26.50 -14.68 -2.50
CA SER A 202 26.30 -15.94 -1.79
C SER A 202 25.30 -16.85 -2.52
N LEU A 203 24.17 -16.31 -2.96
CA LEU A 203 23.18 -17.07 -3.70
C LEU A 203 23.77 -17.60 -5.01
N LYS A 204 24.35 -16.73 -5.84
CA LYS A 204 24.81 -17.09 -7.18
C LYS A 204 25.89 -18.18 -7.15
N THR A 205 26.65 -18.26 -6.06
CA THR A 205 27.73 -19.24 -5.92
C THR A 205 27.33 -20.44 -5.07
N GLY A 206 26.06 -20.53 -4.65
CA GLY A 206 25.59 -21.72 -3.97
C GLY A 206 25.90 -21.78 -2.47
N LYS A 207 26.31 -20.66 -1.83
CA LYS A 207 26.57 -20.63 -0.40
C LYS A 207 25.33 -20.31 0.46
N LEU A 208 24.30 -19.76 -0.16
CA LEU A 208 23.03 -19.48 0.50
C LEU A 208 21.93 -20.03 -0.40
N ASP A 209 20.87 -20.56 0.19
CA ASP A 209 19.77 -21.14 -0.56
C ASP A 209 18.63 -20.14 -0.72
N ALA A 210 18.50 -19.21 0.23
CA ALA A 210 17.56 -18.11 0.08
C ALA A 210 18.04 -16.86 0.83
N PHE A 211 17.57 -15.70 0.37
CA PHE A 211 17.80 -14.41 0.97
C PHE A 211 16.45 -13.72 1.19
N ILE A 212 16.14 -13.40 2.45
CA ILE A 212 14.90 -12.80 2.88
C ILE A 212 15.15 -11.32 3.09
N TYR A 213 14.38 -10.47 2.41
CA TYR A 213 14.69 -9.06 2.40
C TYR A 213 13.50 -8.26 1.89
N ASP A 214 13.64 -6.94 1.97
CA ASP A 214 12.69 -5.98 1.44
C ASP A 214 12.27 -6.34 0.01
N ALA A 215 10.95 -6.32 -0.23
CA ALA A 215 10.37 -6.79 -1.50
C ALA A 215 10.72 -5.88 -2.66
N ALA A 216 10.70 -4.56 -2.45
CA ALA A 216 10.96 -3.61 -3.54
C ALA A 216 12.38 -3.77 -4.10
N VAL A 217 13.36 -3.85 -3.19
CA VAL A 217 14.76 -4.05 -3.55
C VAL A 217 14.94 -5.42 -4.22
N LEU A 218 14.42 -6.50 -3.64
CA LEU A 218 14.56 -7.82 -4.24
C LEU A 218 13.99 -7.88 -5.66
N ASN A 219 12.82 -7.26 -5.86
CA ASN A 219 12.13 -7.26 -7.16
C ASN A 219 12.99 -6.53 -8.17
N TYR A 220 13.53 -5.38 -7.77
CA TYR A 220 14.49 -4.64 -8.57
C TYR A 220 15.69 -5.52 -8.97
N LYS A 221 16.31 -6.16 -7.99
CA LYS A 221 17.51 -6.97 -8.25
C LYS A 221 17.16 -8.17 -9.12
N ALA A 222 15.97 -8.77 -8.91
CA ALA A 222 15.54 -9.90 -9.74
C ALA A 222 15.41 -9.45 -11.21
N GLY A 223 14.88 -8.24 -11.42
CA GLY A 223 14.66 -7.69 -12.75
C GLY A 223 15.96 -7.35 -13.46
N ARG A 224 17.04 -7.08 -12.73
CA ARG A 224 18.32 -6.71 -13.32
C ARG A 224 19.30 -7.90 -13.36
N ASP A 225 18.88 -9.11 -12.97
CA ASP A 225 19.83 -10.18 -12.73
C ASP A 225 20.34 -10.77 -14.06
N GLU A 226 21.65 -11.02 -14.13
CA GLU A 226 22.28 -11.63 -15.31
C GLU A 226 21.68 -13.02 -15.55
N GLY A 227 21.06 -13.22 -16.71
CA GLY A 227 20.53 -14.52 -17.08
C GLY A 227 19.20 -14.84 -16.39
N CYS A 228 18.71 -13.91 -15.56
CA CYS A 228 17.45 -14.08 -14.85
C CYS A 228 17.42 -15.36 -14.01
N LYS A 229 18.55 -15.66 -13.36
CA LYS A 229 18.66 -16.80 -12.45
C LYS A 229 17.99 -16.48 -11.09
N LEU A 230 18.28 -15.32 -10.50
CA LEU A 230 17.75 -14.96 -9.18
C LEU A 230 16.30 -14.49 -9.33
N VAL A 231 15.40 -15.08 -8.55
CA VAL A 231 13.97 -14.80 -8.65
C VAL A 231 13.36 -14.65 -7.25
N THR A 232 12.20 -13.96 -7.17
CA THR A 232 11.43 -13.90 -5.94
C THR A 232 10.29 -14.91 -6.01
N ILE A 233 9.97 -15.53 -4.88
CA ILE A 233 9.06 -16.68 -4.87
C ILE A 233 7.61 -16.22 -4.79
N GLY A 234 6.70 -17.06 -5.33
CA GLY A 234 5.27 -16.81 -5.32
C GLY A 234 4.84 -15.88 -6.45
N SER A 235 3.56 -15.48 -6.42
CA SER A 235 2.96 -14.62 -7.43
C SER A 235 3.33 -13.16 -7.15
N GLY A 236 4.63 -12.85 -7.28
CA GLY A 236 5.20 -11.58 -6.84
C GLY A 236 5.00 -11.37 -5.34
N TYR A 237 5.21 -12.44 -4.54
CA TYR A 237 4.59 -12.53 -3.22
C TYR A 237 5.36 -11.77 -2.12
N ILE A 238 4.56 -11.18 -1.21
CA ILE A 238 5.03 -10.26 -0.18
C ILE A 238 4.30 -10.60 1.12
N PHE A 239 5.05 -10.92 2.18
CA PHE A 239 4.54 -10.96 3.54
C PHE A 239 4.61 -9.57 4.16
N ALA A 240 3.69 -9.27 5.09
CA ALA A 240 3.65 -8.00 5.79
C ALA A 240 3.76 -6.83 4.81
N THR A 241 2.78 -6.76 3.90
CA THR A 241 2.68 -5.67 2.94
C THR A 241 2.66 -4.34 3.68
N THR A 242 3.54 -3.45 3.24
CA THR A 242 3.64 -2.11 3.77
C THR A 242 4.14 -1.25 2.64
N GLY A 243 4.79 -0.16 2.97
CA GLY A 243 5.43 0.65 1.94
C GLY A 243 6.60 1.42 2.52
N TYR A 244 7.34 2.04 1.62
CA TYR A 244 8.29 3.07 2.02
C TYR A 244 7.50 4.32 2.35
N GLY A 245 7.94 5.05 3.38
CA GLY A 245 7.33 6.31 3.74
C GLY A 245 8.39 7.35 4.08
N ILE A 246 8.02 8.62 3.86
CA ILE A 246 8.81 9.73 4.35
C ILE A 246 8.52 9.86 5.84
N ALA A 247 9.57 9.68 6.65
CA ALA A 247 9.48 9.84 8.09
C ALA A 247 9.66 11.33 8.41
N LEU A 248 8.79 11.83 9.26
CA LEU A 248 8.75 13.21 9.71
C LEU A 248 8.68 13.19 11.24
N GLN A 249 9.07 14.28 11.89
CA GLN A 249 8.95 14.38 13.34
C GLN A 249 7.49 14.35 13.74
N LYS A 250 7.18 13.71 14.88
CA LYS A 250 5.84 13.66 15.45
C LYS A 250 5.21 15.05 15.44
N GLY A 251 3.97 15.16 14.95
CA GLY A 251 3.31 16.45 14.87
C GLY A 251 3.84 17.39 13.77
N SER A 252 4.59 16.87 12.79
CA SER A 252 5.22 17.73 11.80
C SER A 252 4.19 18.51 11.01
N PRO A 253 4.39 19.83 10.81
CA PRO A 253 3.51 20.62 9.97
C PRO A 253 3.67 20.34 8.48
N TRP A 254 4.71 19.59 8.09
CA TRP A 254 4.94 19.26 6.68
C TRP A 254 4.17 18.05 6.18
N LYS A 255 3.61 17.24 7.08
CA LYS A 255 3.06 15.94 6.70
C LYS A 255 1.85 16.11 5.81
N ARG A 256 0.96 17.06 6.16
CA ARG A 256 -0.30 17.23 5.44
C ARG A 256 -0.01 17.39 3.94
N GLN A 257 0.86 18.36 3.62
CA GLN A 257 1.11 18.75 2.24
C GLN A 257 1.90 17.67 1.51
N ILE A 258 2.83 17.01 2.23
CA ILE A 258 3.60 15.93 1.65
C ILE A 258 2.67 14.77 1.27
N ASP A 259 1.72 14.42 2.14
CA ASP A 259 0.77 13.36 1.83
C ASP A 259 -0.02 13.66 0.57
N LEU A 260 -0.64 14.85 0.53
CA LEU A 260 -1.45 15.23 -0.61
C LEU A 260 -0.61 15.20 -1.89
N ALA A 261 0.64 15.70 -1.80
CA ALA A 261 1.51 15.70 -2.96
C ALA A 261 1.76 14.29 -3.47
N LEU A 262 2.12 13.39 -2.56
CA LEU A 262 2.38 12.01 -2.95
C LEU A 262 1.16 11.39 -3.62
N LEU A 263 -0.04 11.60 -3.06
CA LEU A 263 -1.26 11.05 -3.62
C LEU A 263 -1.56 11.68 -4.98
N GLN A 264 -1.26 12.98 -5.15
CA GLN A 264 -1.41 13.65 -6.44
C GLN A 264 -0.49 13.01 -7.48
N PHE A 265 0.77 12.74 -7.13
CA PHE A 265 1.71 12.07 -8.02
C PHE A 265 1.19 10.71 -8.51
N VAL A 266 0.54 9.95 -7.62
CA VAL A 266 -0.08 8.68 -7.99
C VAL A 266 -1.21 8.94 -8.97
N GLY A 267 -2.10 9.89 -8.63
CA GLY A 267 -3.27 10.21 -9.43
C GLY A 267 -2.94 10.76 -10.81
N ASP A 268 -1.81 11.49 -10.93
CA ASP A 268 -1.40 12.20 -12.13
C ASP A 268 -0.60 11.34 -13.11
N GLY A 269 -0.25 10.12 -12.73
CA GLY A 269 0.66 9.31 -13.53
C GLY A 269 2.14 9.62 -13.28
N GLU A 270 2.49 10.65 -12.49
CA GLU A 270 3.89 10.98 -12.23
C GLU A 270 4.62 9.84 -11.51
N MET A 271 3.92 9.10 -10.64
CA MET A 271 4.56 7.97 -9.98
C MET A 271 4.87 6.87 -10.97
N GLU A 272 3.96 6.61 -11.90
CA GLU A 272 4.19 5.53 -12.86
C GLU A 272 5.41 5.86 -13.73
N GLU A 273 5.53 7.12 -14.14
CA GLU A 273 6.70 7.58 -14.90
C GLU A 273 7.99 7.23 -14.14
N LEU A 274 8.04 7.56 -12.84
CA LEU A 274 9.21 7.34 -12.01
C LEU A 274 9.53 5.85 -11.89
N GLU A 275 8.49 5.04 -11.75
CA GLU A 275 8.62 3.61 -11.67
C GLU A 275 9.24 3.08 -12.96
N THR A 276 8.82 3.64 -14.10
CA THR A 276 9.32 3.22 -15.40
C THR A 276 10.77 3.68 -15.56
N LEU A 277 11.11 4.88 -15.08
CA LEU A 277 12.46 5.41 -15.18
C LEU A 277 13.46 4.57 -14.38
N TRP A 278 13.11 4.18 -13.14
CA TRP A 278 14.10 3.68 -12.19
C TRP A 278 14.01 2.18 -11.88
N LEU A 279 12.82 1.56 -12.00
CA LEU A 279 12.55 0.26 -11.38
C LEU A 279 12.28 -0.88 -12.37
N THR A 280 12.11 -0.59 -13.67
CA THR A 280 11.84 -1.64 -14.64
C THR A 280 13.09 -2.47 -14.91
N GLY A 281 12.89 -3.78 -15.09
CA GLY A 281 13.98 -4.69 -15.39
C GLY A 281 13.74 -5.47 -16.69
N ILE A 282 14.81 -6.12 -17.18
CA ILE A 282 14.79 -6.97 -18.36
C ILE A 282 14.01 -8.25 -18.09
N CYS A 283 14.25 -8.90 -16.94
CA CYS A 283 13.56 -10.12 -16.56
C CYS A 283 12.11 -9.80 -16.16
N ARG B 4 -19.20 5.21 21.72
CA ARG B 4 -19.85 4.20 20.83
C ARG B 4 -19.82 4.72 19.39
N LEU B 5 -19.05 4.03 18.53
CA LEU B 5 -18.76 4.54 17.19
C LEU B 5 -19.84 4.08 16.19
N LYS B 6 -20.27 5.03 15.35
CA LYS B 6 -21.10 4.72 14.19
C LYS B 6 -20.19 4.37 13.01
N ILE B 7 -20.31 3.11 12.57
CA ILE B 7 -19.53 2.64 11.45
C ILE B 7 -20.41 2.59 10.21
N VAL B 8 -19.91 3.18 9.11
CA VAL B 8 -20.55 3.04 7.82
C VAL B 8 -19.74 2.08 6.95
N THR B 9 -20.45 1.23 6.21
CA THR B 9 -19.83 0.37 5.23
C THR B 9 -20.78 0.24 4.05
N ILE B 10 -20.46 -0.69 3.15
CA ILE B 10 -21.13 -0.82 1.88
C ILE B 10 -21.10 -2.29 1.47
N HIS B 11 -22.13 -2.74 0.73
CA HIS B 11 -22.14 -4.09 0.22
C HIS B 11 -21.02 -4.24 -0.81
N GLN B 12 -20.09 -5.19 -0.61
CA GLN B 12 -19.01 -5.38 -1.57
C GLN B 12 -18.26 -6.68 -1.24
N GLU B 13 -18.68 -7.79 -1.87
CA GLU B 13 -18.06 -9.07 -1.58
C GLU B 13 -16.65 -9.06 -2.16
N PRO B 14 -15.63 -9.70 -1.54
CA PRO B 14 -15.77 -10.44 -0.28
C PRO B 14 -15.45 -9.67 1.00
N PHE B 15 -15.48 -8.33 0.91
CA PHE B 15 -15.11 -7.46 2.03
C PHE B 15 -16.31 -7.35 2.98
N VAL B 16 -17.51 -7.21 2.41
CA VAL B 16 -18.74 -7.02 3.17
C VAL B 16 -19.83 -7.81 2.44
N TYR B 17 -20.27 -8.90 3.08
CA TYR B 17 -21.47 -9.63 2.69
C TYR B 17 -22.65 -9.02 3.41
N VAL B 18 -23.83 -9.04 2.78
CA VAL B 18 -25.04 -8.49 3.36
C VAL B 18 -26.14 -9.51 3.07
N LYS B 19 -26.75 -10.02 4.15
CA LYS B 19 -27.82 -11.01 4.03
C LYS B 19 -28.98 -10.65 4.95
N PRO B 20 -30.20 -11.18 4.67
CA PRO B 20 -31.33 -10.96 5.57
C PRO B 20 -31.02 -11.58 6.93
N THR B 21 -31.56 -11.01 8.02
CA THR B 21 -31.62 -11.71 9.29
C THR B 21 -32.56 -12.92 9.19
N LEU B 22 -32.41 -13.86 10.12
CA LEU B 22 -33.41 -14.89 10.34
C LEU B 22 -34.71 -14.21 10.83
N SER B 23 -35.81 -14.98 10.92
CA SER B 23 -37.09 -14.42 11.32
C SER B 23 -37.06 -13.89 12.76
N ASP B 24 -36.19 -14.46 13.61
CA ASP B 24 -36.05 -14.00 14.98
C ASP B 24 -35.08 -12.80 15.11
N GLY B 25 -34.56 -12.28 13.98
CA GLY B 25 -33.76 -11.07 14.02
C GLY B 25 -32.28 -11.29 14.32
N THR B 26 -31.82 -12.56 14.38
CA THR B 26 -30.41 -12.90 14.52
C THR B 26 -29.89 -13.39 13.18
N CYS B 27 -28.58 -13.67 13.12
CA CYS B 27 -27.87 -14.05 11.91
C CYS B 27 -27.61 -15.56 11.86
N LYS B 28 -27.81 -16.16 10.68
CA LYS B 28 -27.55 -17.58 10.48
C LYS B 28 -26.16 -17.97 10.98
N GLU B 29 -26.07 -19.00 11.83
CA GLU B 29 -24.79 -19.52 12.30
C GLU B 29 -24.09 -20.24 11.16
N GLU B 30 -22.89 -19.78 10.80
CA GLU B 30 -22.15 -20.38 9.70
C GLU B 30 -20.69 -20.55 10.10
N PHE B 31 -19.98 -21.39 9.34
CA PHE B 31 -18.67 -21.83 9.74
C PHE B 31 -17.80 -21.87 8.49
N THR B 32 -16.51 -21.66 8.70
CA THR B 32 -15.54 -21.64 7.61
C THR B 32 -15.48 -22.99 6.93
N ASP B 36 -14.32 -23.08 12.51
CA ASP B 36 -14.26 -21.68 13.02
C ASP B 36 -15.57 -20.96 12.69
N PRO B 37 -16.21 -20.29 13.68
CA PRO B 37 -17.44 -19.56 13.43
C PRO B 37 -17.16 -18.36 12.54
N VAL B 38 -18.08 -18.10 11.61
CA VAL B 38 -18.07 -16.86 10.87
C VAL B 38 -18.63 -15.78 11.79
N LYS B 39 -17.83 -14.74 12.03
CA LYS B 39 -18.29 -13.64 12.86
C LYS B 39 -19.24 -12.78 12.03
N LYS B 40 -20.37 -12.37 12.60
CA LYS B 40 -21.38 -11.58 11.91
C LYS B 40 -21.84 -10.45 12.82
N VAL B 41 -22.25 -9.33 12.22
CA VAL B 41 -22.78 -8.20 12.95
C VAL B 41 -24.12 -7.80 12.36
N ILE B 42 -24.99 -7.25 13.23
CA ILE B 42 -26.21 -6.64 12.73
C ILE B 42 -25.87 -5.29 12.08
N CYS B 43 -26.27 -5.11 10.83
CA CYS B 43 -26.08 -3.84 10.15
C CYS B 43 -27.44 -3.37 9.62
N THR B 44 -27.82 -2.13 9.95
CA THR B 44 -29.02 -1.52 9.42
C THR B 44 -28.74 -0.98 8.02
N GLY B 45 -29.72 -1.09 7.14
CA GLY B 45 -29.59 -0.56 5.81
C GLY B 45 -30.94 -0.35 5.16
N PRO B 46 -31.01 0.44 4.06
CA PRO B 46 -32.27 0.60 3.34
C PRO B 46 -32.69 -0.71 2.69
N ASN B 47 -34.02 -0.96 2.65
CA ASN B 47 -34.56 -2.10 1.92
C ASN B 47 -34.88 -1.69 0.48
N ASP B 48 -35.15 -0.40 0.25
CA ASP B 48 -35.27 0.14 -1.09
C ASP B 48 -33.90 0.63 -1.58
N THR B 49 -33.39 0.02 -2.67
CA THR B 49 -32.12 0.37 -3.27
C THR B 49 -32.27 1.51 -4.29
N SER B 50 -33.49 1.73 -4.81
CA SER B 50 -33.72 2.47 -6.04
C SER B 50 -33.25 3.94 -5.95
N PRO B 51 -33.01 4.59 -7.12
CA PRO B 51 -32.84 6.04 -7.18
C PRO B 51 -34.00 6.85 -6.59
N GLY B 52 -33.67 7.92 -5.86
CA GLY B 52 -34.61 8.95 -5.44
C GLY B 52 -35.74 8.43 -4.54
N SER B 53 -35.49 7.31 -3.85
CA SER B 53 -36.53 6.60 -3.12
C SER B 53 -36.42 6.90 -1.61
N PRO B 54 -37.52 6.80 -0.82
CA PRO B 54 -37.40 6.79 0.65
C PRO B 54 -36.51 5.67 1.18
N ARG B 55 -35.67 6.04 2.17
CA ARG B 55 -34.71 5.11 2.78
C ARG B 55 -35.30 4.52 4.07
N HIS B 56 -36.02 3.40 3.91
CA HIS B 56 -36.56 2.68 5.06
C HIS B 56 -35.51 1.67 5.55
N THR B 57 -34.92 1.93 6.73
CA THR B 57 -33.86 1.10 7.26
C THR B 57 -34.43 -0.18 7.88
N VAL B 58 -33.74 -1.32 7.69
CA VAL B 58 -34.06 -2.59 8.32
C VAL B 58 -32.78 -3.30 8.80
N PRO B 59 -32.86 -4.05 9.92
CA PRO B 59 -31.74 -4.89 10.37
C PRO B 59 -31.39 -5.95 9.33
N GLN B 60 -30.08 -6.06 9.03
CA GLN B 60 -29.53 -7.09 8.17
C GLN B 60 -28.27 -7.66 8.80
N CYS B 61 -27.68 -8.69 8.17
CA CYS B 61 -26.48 -9.36 8.68
C CYS B 61 -25.29 -9.03 7.78
N CYS B 62 -24.18 -8.64 8.42
CA CYS B 62 -22.96 -8.21 7.75
C CYS B 62 -21.79 -9.09 8.20
N TYR B 63 -20.97 -9.51 7.24
CA TYR B 63 -19.77 -10.27 7.56
C TYR B 63 -18.79 -10.14 6.40
N GLY B 64 -17.56 -10.62 6.62
CA GLY B 64 -16.52 -10.62 5.60
C GLY B 64 -15.25 -9.95 6.12
N PHE B 65 -14.31 -9.72 5.19
CA PHE B 65 -12.97 -9.24 5.49
C PHE B 65 -13.05 -7.97 6.30
N CYS B 66 -13.83 -6.97 5.83
CA CYS B 66 -13.93 -5.69 6.51
C CYS B 66 -14.61 -5.82 7.87
N ILE B 67 -15.57 -6.75 8.00
CA ILE B 67 -16.23 -6.93 9.27
C ILE B 67 -15.29 -7.58 10.29
N ASP B 68 -14.53 -8.60 9.89
CA ASP B 68 -13.48 -9.13 10.74
C ASP B 68 -12.47 -8.08 11.16
N LEU B 69 -12.11 -7.19 10.23
CA LEU B 69 -11.16 -6.11 10.52
C LEU B 69 -11.75 -5.19 11.57
N LEU B 70 -13.03 -4.83 11.38
CA LEU B 70 -13.70 -3.97 12.35
C LEU B 70 -13.64 -4.59 13.74
N ILE B 71 -13.99 -5.87 13.86
CA ILE B 71 -14.03 -6.53 15.15
C ILE B 71 -12.64 -6.49 15.78
N LYS B 72 -11.59 -6.77 14.99
CA LYS B 72 -10.23 -6.67 15.48
C LYS B 72 -9.92 -5.26 16.00
N LEU B 73 -10.25 -4.23 15.21
CA LEU B 73 -10.05 -2.85 15.63
C LEU B 73 -10.73 -2.56 16.96
N ALA B 74 -12.02 -2.92 17.09
CA ALA B 74 -12.84 -2.61 18.25
C ALA B 74 -12.34 -3.30 19.52
N ARG B 75 -11.84 -4.54 19.40
CA ARG B 75 -11.27 -5.27 20.53
C ARG B 75 -9.91 -4.68 20.91
N THR B 76 -9.08 -4.37 19.89
CA THR B 76 -7.74 -3.83 20.07
C THR B 76 -7.82 -2.48 20.79
N MET B 77 -8.73 -1.61 20.36
CA MET B 77 -8.77 -0.23 20.81
C MET B 77 -9.88 0.00 21.83
N ASN B 78 -10.64 -1.05 22.16
CA ASN B 78 -11.67 -1.01 23.18
C ASN B 78 -12.71 0.06 22.87
N PHE B 79 -13.42 -0.09 21.75
CA PHE B 79 -14.60 0.71 21.47
C PHE B 79 -15.77 -0.18 21.11
N THR B 80 -16.98 0.35 21.32
CA THR B 80 -18.22 -0.30 20.90
C THR B 80 -18.70 0.40 19.64
N TYR B 81 -19.57 -0.27 18.89
CA TYR B 81 -19.97 0.28 17.61
C TYR B 81 -21.38 -0.17 17.23
N GLU B 82 -21.95 0.56 16.27
CA GLU B 82 -23.08 0.09 15.50
C GLU B 82 -22.76 0.33 14.02
N VAL B 83 -23.08 -0.66 13.18
CA VAL B 83 -22.79 -0.60 11.76
C VAL B 83 -24.07 -0.31 10.97
N HIS B 84 -23.95 0.51 9.92
CA HIS B 84 -25.03 0.71 8.95
C HIS B 84 -24.44 0.77 7.55
N LEU B 85 -25.24 0.38 6.57
CA LEU B 85 -24.87 0.48 5.18
C LEU B 85 -25.18 1.90 4.73
N VAL B 86 -24.27 2.45 3.92
CA VAL B 86 -24.42 3.79 3.37
C VAL B 86 -25.77 3.92 2.65
N ALA B 87 -26.52 4.97 3.00
CA ALA B 87 -27.92 5.13 2.60
C ALA B 87 -28.08 5.22 1.08
N ASP B 88 -27.15 5.95 0.43
CA ASP B 88 -27.23 6.18 -1.01
C ASP B 88 -26.54 5.06 -1.82
N GLY B 89 -25.90 4.12 -1.14
CA GLY B 89 -25.30 2.96 -1.82
C GLY B 89 -23.95 3.22 -2.49
N LYS B 90 -23.31 4.37 -2.21
CA LYS B 90 -22.16 4.78 -2.98
C LYS B 90 -20.89 4.91 -2.11
N PHE B 91 -19.73 4.86 -2.78
CA PHE B 91 -18.44 5.01 -2.13
C PHE B 91 -18.25 6.47 -1.73
N GLY B 92 -18.30 7.37 -2.72
CA GLY B 92 -18.21 8.79 -2.40
C GLY B 92 -17.39 9.55 -3.44
N THR B 93 -18.05 10.54 -4.07
CA THR B 93 -17.37 11.51 -4.93
C THR B 93 -17.80 12.92 -4.53
N GLN B 94 -17.00 13.89 -4.94
CA GLN B 94 -17.33 15.28 -4.66
C GLN B 94 -17.97 15.87 -5.91
N GLU B 95 -19.17 16.42 -5.74
CA GLU B 95 -19.96 16.94 -6.85
C GLU B 95 -20.32 18.41 -6.59
N ARG B 96 -20.44 19.18 -7.68
CA ARG B 96 -20.94 20.55 -7.62
C ARG B 96 -22.45 20.50 -7.39
N VAL B 97 -22.96 21.36 -6.52
CA VAL B 97 -24.38 21.32 -6.15
C VAL B 97 -25.25 22.09 -7.17
N LYS B 102 -21.30 25.13 -2.61
CA LYS B 102 -21.01 24.90 -4.05
C LYS B 102 -20.63 23.42 -4.25
N LYS B 103 -19.91 22.82 -3.28
CA LYS B 103 -19.37 21.46 -3.43
C LYS B 103 -19.83 20.54 -2.28
N GLU B 104 -20.16 19.29 -2.62
CA GLU B 104 -20.74 18.33 -1.68
C GLU B 104 -20.20 16.91 -1.93
N TRP B 105 -19.87 16.18 -0.86
CA TRP B 105 -19.59 14.74 -0.97
C TRP B 105 -20.84 13.87 -0.83
N ASN B 106 -20.96 12.88 -1.71
CA ASN B 106 -21.98 11.84 -1.57
C ASN B 106 -21.36 10.58 -0.93
N GLY B 107 -22.15 9.50 -0.85
CA GLY B 107 -21.67 8.20 -0.42
C GLY B 107 -21.21 8.18 1.03
N MET B 108 -20.30 7.25 1.29
CA MET B 108 -19.71 7.07 2.60
C MET B 108 -18.93 8.33 3.01
N MET B 109 -18.30 9.00 2.04
CA MET B 109 -17.54 10.22 2.29
C MET B 109 -18.50 11.27 2.87
N GLY B 110 -19.66 11.44 2.24
CA GLY B 110 -20.67 12.37 2.68
C GLY B 110 -21.14 12.08 4.11
N GLU B 111 -21.37 10.79 4.40
CA GLU B 111 -21.87 10.38 5.70
C GLU B 111 -20.86 10.60 6.82
N LEU B 112 -19.58 10.34 6.54
CA LEU B 112 -18.55 10.58 7.54
C LEU B 112 -18.39 12.08 7.81
N LEU B 113 -18.42 12.90 6.75
CA LEU B 113 -18.18 14.34 6.92
C LEU B 113 -19.34 15.00 7.68
N SER B 114 -20.55 14.44 7.55
CA SER B 114 -21.74 15.01 8.18
C SER B 114 -21.94 14.52 9.60
N GLY B 115 -21.18 13.52 10.02
CA GLY B 115 -21.35 12.99 11.37
C GLY B 115 -22.37 11.85 11.43
N GLN B 116 -22.94 11.45 10.31
CA GLN B 116 -23.79 10.26 10.25
C GLN B 116 -22.97 9.00 10.52
N ALA B 117 -21.69 9.03 10.17
CA ALA B 117 -20.73 8.00 10.52
C ALA B 117 -19.57 8.64 11.27
N ASP B 118 -18.94 7.84 12.12
CA ASP B 118 -17.70 8.22 12.79
C ASP B 118 -16.48 7.56 12.14
N MET B 119 -16.68 6.46 11.40
CA MET B 119 -15.59 5.72 10.78
C MET B 119 -16.18 4.98 9.58
N ILE B 120 -15.44 5.03 8.47
CA ILE B 120 -15.72 4.22 7.31
C ILE B 120 -14.87 2.95 7.40
N VAL B 121 -15.50 1.76 7.36
CA VAL B 121 -14.77 0.51 7.28
C VAL B 121 -15.32 -0.27 6.09
N ALA B 122 -14.55 -0.22 4.99
CA ALA B 122 -15.00 -0.59 3.66
C ALA B 122 -13.78 -0.67 2.74
N PRO B 123 -13.89 -1.28 1.54
CA PRO B 123 -12.83 -1.18 0.52
C PRO B 123 -12.78 0.20 -0.11
N LEU B 124 -12.39 1.16 0.72
CA LEU B 124 -12.39 2.57 0.33
C LEU B 124 -10.97 2.95 -0.14
N THR B 125 -10.87 3.34 -1.42
CA THR B 125 -9.58 3.73 -1.99
C THR B 125 -9.10 5.05 -1.38
N ILE B 126 -7.82 5.07 -0.99
CA ILE B 126 -7.13 6.26 -0.54
C ILE B 126 -6.72 7.06 -1.77
N ASN B 127 -7.25 8.29 -1.90
CA ASN B 127 -6.79 9.18 -2.95
C ASN B 127 -6.68 10.64 -2.48
N ASN B 128 -6.01 11.46 -3.30
CA ASN B 128 -5.74 12.86 -2.98
C ASN B 128 -7.04 13.61 -2.67
N GLU B 129 -8.05 13.47 -3.53
CA GLU B 129 -9.27 14.26 -3.44
C GLU B 129 -9.97 13.98 -2.12
N ARG B 130 -10.02 12.72 -1.67
CA ARG B 130 -10.66 12.38 -0.40
C ARG B 130 -9.77 12.76 0.78
N ALA B 131 -8.45 12.54 0.64
CA ALA B 131 -7.51 12.88 1.70
C ALA B 131 -7.52 14.37 2.02
N GLN B 132 -7.94 15.23 1.08
CA GLN B 132 -8.04 16.66 1.37
C GLN B 132 -9.05 16.92 2.50
N TYR B 133 -10.06 16.03 2.63
CA TYR B 133 -11.17 16.23 3.56
C TYR B 133 -11.20 15.24 4.72
N ILE B 134 -10.66 14.02 4.57
CA ILE B 134 -10.70 13.06 5.67
C ILE B 134 -9.32 12.50 5.96
N GLU B 135 -9.20 11.84 7.13
CA GLU B 135 -8.03 11.06 7.52
C GLU B 135 -8.22 9.61 7.07
N PHE B 136 -7.22 9.10 6.34
CA PHE B 136 -7.15 7.69 6.00
C PHE B 136 -6.09 7.04 6.86
N SER B 137 -6.35 5.79 7.23
CA SER B 137 -5.31 4.99 7.86
C SER B 137 -4.23 4.67 6.83
N LYS B 138 -3.11 4.14 7.32
CA LYS B 138 -2.22 3.36 6.47
C LYS B 138 -3.07 2.27 5.82
N PRO B 139 -2.70 1.83 4.61
CA PRO B 139 -3.48 0.83 3.91
C PRO B 139 -3.62 -0.49 4.64
N PHE B 140 -4.87 -0.96 4.70
CA PHE B 140 -5.15 -2.31 5.17
C PHE B 140 -5.08 -3.31 4.01
N LYS B 141 -5.09 -2.84 2.78
CA LYS B 141 -4.96 -3.70 1.60
C LYS B 141 -4.35 -2.87 0.49
N TYR B 142 -3.39 -3.46 -0.23
CA TYR B 142 -2.80 -2.89 -1.44
C TYR B 142 -3.38 -3.61 -2.65
N GLN B 143 -3.87 -2.86 -3.63
CA GLN B 143 -4.48 -3.45 -4.82
C GLN B 143 -4.35 -2.46 -5.96
N GLY B 144 -5.23 -2.54 -6.95
CA GLY B 144 -5.27 -1.52 -8.00
C GLY B 144 -6.49 -1.77 -8.88
N LEU B 145 -6.51 -1.24 -10.09
CA LEU B 145 -7.63 -1.47 -11.00
C LEU B 145 -7.30 -2.60 -11.96
N THR B 146 -8.32 -3.37 -12.37
CA THR B 146 -8.21 -4.31 -13.47
C THR B 146 -9.53 -4.28 -14.23
N ILE B 147 -9.70 -5.20 -15.19
CA ILE B 147 -10.87 -5.20 -16.07
C ILE B 147 -11.45 -6.61 -16.05
N LEU B 148 -12.75 -6.68 -15.79
CA LEU B 148 -13.47 -7.93 -15.80
C LEU B 148 -14.22 -8.07 -17.12
N VAL B 149 -14.11 -9.26 -17.74
CA VAL B 149 -14.79 -9.57 -19.00
C VAL B 149 -15.34 -10.99 -18.95
N LYS B 150 -16.17 -11.29 -19.96
CA LYS B 150 -16.70 -12.63 -20.16
C LYS B 150 -15.56 -13.51 -20.66
N LYS B 151 -15.38 -14.68 -20.02
CA LYS B 151 -14.53 -15.74 -20.56
C LYS B 151 -14.97 -15.94 -22.00
N GLY B 152 -14.15 -15.46 -22.93
CA GLY B 152 -14.53 -15.32 -24.33
C GLY B 152 -13.91 -14.06 -24.92
N THR B 153 -14.19 -12.92 -24.30
CA THR B 153 -13.72 -11.63 -24.78
C THR B 153 -12.19 -11.58 -24.67
N ARG B 154 -11.55 -10.91 -25.63
CA ARG B 154 -10.09 -10.78 -25.68
C ARG B 154 -9.76 -9.30 -25.76
N ILE B 155 -9.23 -8.76 -24.65
CA ILE B 155 -8.81 -7.38 -24.52
C ILE B 155 -7.39 -7.40 -23.96
N THR B 156 -6.48 -6.59 -24.54
CA THR B 156 -5.11 -6.52 -24.06
C THR B 156 -5.08 -5.93 -22.64
N GLY B 157 -5.87 -4.88 -22.45
CA GLY B 157 -5.98 -4.21 -21.16
C GLY B 157 -6.57 -2.82 -21.35
N ILE B 158 -6.08 -1.86 -20.56
CA ILE B 158 -6.65 -0.52 -20.49
C ILE B 158 -6.26 0.31 -21.72
N ASN B 159 -5.27 -0.14 -22.51
CA ASN B 159 -4.80 0.59 -23.68
C ASN B 159 -5.27 -0.04 -24.99
N ASP B 160 -6.15 -1.04 -24.92
CA ASP B 160 -6.75 -1.63 -26.10
C ASP B 160 -7.45 -0.53 -26.89
N PRO B 161 -7.38 -0.54 -28.26
CA PRO B 161 -8.13 0.44 -29.07
C PRO B 161 -9.61 0.57 -28.76
N ARG B 162 -10.27 -0.56 -28.47
CA ARG B 162 -11.70 -0.59 -28.22
C ARG B 162 -12.11 0.17 -26.95
N LEU B 163 -11.15 0.43 -26.05
CA LEU B 163 -11.36 1.29 -24.89
C LEU B 163 -10.83 2.69 -25.18
N ARG B 164 -9.62 2.77 -25.78
CA ARG B 164 -8.94 4.02 -26.03
C ARG B 164 -9.70 4.91 -27.02
N ASN B 165 -10.18 4.29 -28.11
CA ASN B 165 -10.99 4.92 -29.13
C ASN B 165 -12.28 4.13 -29.23
N PRO B 166 -13.26 4.38 -28.31
CA PRO B 166 -14.47 3.58 -28.19
C PRO B 166 -15.65 4.01 -29.05
N SER B 167 -16.70 3.18 -29.00
CA SER B 167 -17.94 3.41 -29.70
C SER B 167 -19.04 2.61 -29.00
N ASP B 168 -20.27 2.67 -29.55
CA ASP B 168 -21.40 1.89 -29.06
C ASP B 168 -21.23 0.39 -29.33
N LYS B 169 -20.18 -0.01 -30.06
CA LYS B 169 -19.89 -1.40 -30.37
C LYS B 169 -19.48 -2.17 -29.10
N PHE B 170 -18.53 -1.61 -28.33
CA PHE B 170 -17.97 -2.27 -27.16
C PHE B 170 -18.24 -1.46 -25.90
N ILE B 171 -19.28 -1.87 -25.16
CA ILE B 171 -19.74 -1.18 -23.96
C ILE B 171 -18.84 -1.55 -22.80
N TYR B 172 -18.35 -0.55 -22.07
CA TYR B 172 -17.68 -0.78 -20.81
C TYR B 172 -18.02 0.36 -19.86
N ALA B 173 -17.74 0.13 -18.58
CA ALA B 173 -18.23 1.01 -17.53
C ALA B 173 -17.53 0.68 -16.21
N THR B 174 -17.78 1.55 -15.23
CA THR B 174 -17.40 1.32 -13.84
C THR B 174 -18.63 1.59 -12.99
N VAL B 175 -18.43 1.78 -11.68
CA VAL B 175 -19.51 2.09 -10.76
C VAL B 175 -19.60 3.59 -10.59
N LYS B 176 -20.84 4.11 -10.58
CA LYS B 176 -21.12 5.52 -10.36
C LYS B 176 -20.72 5.98 -8.95
N GLN B 177 -20.25 7.24 -8.87
CA GLN B 177 -19.82 7.87 -7.64
C GLN B 177 -18.78 7.01 -6.88
N SER B 178 -17.91 6.37 -7.66
CA SER B 178 -16.68 5.77 -7.18
C SER B 178 -15.54 6.67 -7.65
N SER B 179 -14.34 6.51 -7.08
CA SER B 179 -13.18 7.29 -7.48
C SER B 179 -12.56 6.80 -8.79
N VAL B 180 -13.04 5.68 -9.36
CA VAL B 180 -12.74 5.32 -10.75
C VAL B 180 -13.54 6.28 -11.65
N ASP B 181 -14.86 6.33 -11.43
CA ASP B 181 -15.82 7.00 -12.31
C ASP B 181 -15.43 8.45 -12.59
N ILE B 182 -15.20 9.20 -11.51
CA ILE B 182 -14.92 10.62 -11.64
C ILE B 182 -13.52 10.83 -12.24
N TYR B 183 -12.64 9.82 -12.11
CA TYR B 183 -11.31 9.90 -12.68
C TYR B 183 -11.39 9.82 -14.22
N PHE B 184 -12.26 8.94 -14.72
CA PHE B 184 -12.44 8.81 -16.17
C PHE B 184 -13.18 10.03 -16.76
N ARG B 185 -14.33 10.44 -16.21
CA ARG B 185 -15.03 11.64 -16.62
C ARG B 185 -14.09 12.86 -16.68
N ARG B 186 -13.10 12.93 -15.75
CA ARG B 186 -12.20 14.08 -15.57
C ARG B 186 -10.94 14.05 -16.47
N GLN B 187 -10.45 12.87 -16.90
CA GLN B 187 -9.15 12.76 -17.57
C GLN B 187 -9.21 13.18 -19.06
N VAL B 188 -8.20 13.96 -19.48
CA VAL B 188 -8.14 14.57 -20.82
C VAL B 188 -7.93 13.51 -21.92
N GLU B 189 -6.95 12.61 -21.74
CA GLU B 189 -6.69 11.53 -22.67
C GLU B 189 -7.81 10.48 -22.61
N LEU B 190 -8.61 10.50 -21.54
CA LEU B 190 -9.74 9.61 -21.36
C LEU B 190 -11.00 10.09 -22.08
N SER B 191 -11.08 11.39 -22.39
CA SER B 191 -12.24 12.04 -23.02
C SER B 191 -13.25 11.06 -23.65
N THR B 192 -12.85 10.31 -24.69
CA THR B 192 -13.81 9.51 -25.45
C THR B 192 -14.25 8.28 -24.64
N MET B 193 -13.43 7.83 -23.67
CA MET B 193 -13.83 6.75 -22.75
C MET B 193 -14.44 7.34 -21.48
N TYR B 194 -13.80 8.37 -20.91
CA TYR B 194 -14.34 9.21 -19.85
C TYR B 194 -15.86 9.42 -19.90
N ARG B 195 -16.30 9.97 -21.03
CA ARG B 195 -17.69 10.33 -21.26
C ARG B 195 -18.48 9.11 -21.74
N HIS B 196 -17.81 8.13 -22.36
CA HIS B 196 -18.46 6.92 -22.85
C HIS B 196 -18.98 6.08 -21.67
N MET B 197 -18.18 5.98 -20.61
CA MET B 197 -18.56 5.24 -19.41
C MET B 197 -19.71 5.92 -18.68
N GLU B 198 -19.77 7.27 -18.74
CA GLU B 198 -20.89 8.06 -18.24
C GLU B 198 -22.23 7.53 -18.75
N LYS B 199 -22.27 7.07 -20.01
CA LYS B 199 -23.49 6.58 -20.64
C LYS B 199 -23.88 5.17 -20.17
N HIS B 200 -22.98 4.43 -19.50
CA HIS B 200 -23.23 3.04 -19.15
C HIS B 200 -22.91 2.67 -17.69
N ASN B 201 -22.47 3.62 -16.86
CA ASN B 201 -22.01 3.30 -15.51
C ASN B 201 -23.16 2.75 -14.66
N TYR B 202 -22.82 1.84 -13.72
CA TYR B 202 -23.81 1.15 -12.90
C TYR B 202 -23.88 1.72 -11.48
N GLU B 203 -24.99 1.43 -10.79
CA GLU B 203 -25.23 1.95 -9.45
C GLU B 203 -24.37 1.18 -8.43
N SER B 204 -24.03 -0.06 -8.74
CA SER B 204 -23.28 -0.92 -7.82
C SER B 204 -22.40 -1.88 -8.62
N ALA B 205 -21.39 -2.43 -7.93
CA ALA B 205 -20.46 -3.38 -8.51
C ALA B 205 -21.15 -4.70 -8.84
N ALA B 206 -22.07 -5.13 -7.97
CA ALA B 206 -22.80 -6.39 -8.14
C ALA B 206 -23.59 -6.33 -9.45
N GLU B 207 -24.25 -5.20 -9.71
CA GLU B 207 -25.04 -5.04 -10.92
C GLU B 207 -24.16 -5.10 -12.15
N ALA B 208 -22.97 -4.48 -12.07
CA ALA B 208 -22.01 -4.49 -13.15
C ALA B 208 -21.51 -5.90 -13.43
N ILE B 209 -21.25 -6.69 -12.39
CA ILE B 209 -20.68 -8.02 -12.57
C ILE B 209 -21.71 -8.95 -13.21
N GLN B 210 -22.97 -8.89 -12.77
CA GLN B 210 -24.06 -9.68 -13.34
C GLN B 210 -24.31 -9.28 -14.79
N ALA B 211 -24.24 -7.98 -15.08
CA ALA B 211 -24.40 -7.45 -16.42
C ALA B 211 -23.33 -7.93 -17.39
N VAL B 212 -22.13 -8.29 -16.88
CA VAL B 212 -21.07 -8.88 -17.68
C VAL B 212 -21.40 -10.34 -17.99
N ARG B 213 -21.96 -11.04 -17.01
CA ARG B 213 -22.36 -12.44 -17.19
C ARG B 213 -23.51 -12.56 -18.20
N ASP B 214 -24.42 -11.55 -18.21
CA ASP B 214 -25.56 -11.51 -19.11
C ASP B 214 -25.25 -10.70 -20.38
N ASN B 215 -23.97 -10.50 -20.69
CA ASN B 215 -23.51 -9.92 -21.95
C ASN B 215 -24.15 -8.56 -22.25
N LYS B 216 -24.59 -7.83 -21.22
CA LYS B 216 -25.08 -6.46 -21.37
C LYS B 216 -23.94 -5.45 -21.21
N LEU B 217 -22.93 -5.84 -20.41
CA LEU B 217 -21.70 -5.06 -20.24
C LEU B 217 -20.54 -5.94 -20.69
N HIS B 218 -19.65 -5.41 -21.56
CA HIS B 218 -18.56 -6.21 -22.12
C HIS B 218 -17.27 -6.08 -21.29
N ALA B 219 -17.07 -4.92 -20.62
CA ALA B 219 -15.91 -4.74 -19.76
C ALA B 219 -16.25 -3.86 -18.55
N PHE B 220 -15.84 -4.33 -17.38
CA PHE B 220 -16.12 -3.65 -16.13
C PHE B 220 -14.77 -3.32 -15.49
N ILE B 221 -14.50 -2.01 -15.39
CA ILE B 221 -13.26 -1.49 -14.80
C ILE B 221 -13.51 -1.24 -13.31
N TRP B 222 -12.73 -1.93 -12.45
CA TRP B 222 -13.00 -1.97 -11.02
C TRP B 222 -11.80 -2.51 -10.24
N ASP B 223 -11.94 -2.49 -8.92
CA ASP B 223 -10.97 -2.95 -7.95
C ASP B 223 -10.56 -4.39 -8.22
N SER B 224 -9.23 -4.61 -8.32
CA SER B 224 -8.66 -5.94 -8.53
C SER B 224 -8.98 -6.88 -7.38
N ALA B 225 -9.05 -6.36 -6.15
CA ALA B 225 -9.32 -7.22 -5.00
C ALA B 225 -10.70 -7.84 -5.12
N VAL B 226 -11.68 -7.07 -5.64
CA VAL B 226 -13.04 -7.55 -5.87
C VAL B 226 -13.13 -8.40 -7.14
N LEU B 227 -12.55 -7.93 -8.25
CA LEU B 227 -12.67 -8.59 -9.54
C LEU B 227 -11.97 -9.95 -9.58
N GLU B 228 -10.75 -10.04 -9.03
CA GLU B 228 -9.99 -11.29 -9.02
C GLU B 228 -10.75 -12.33 -8.19
N PHE B 229 -11.41 -11.88 -7.13
CA PHE B 229 -12.21 -12.75 -6.29
C PHE B 229 -13.40 -13.26 -7.07
N GLU B 230 -14.11 -12.36 -7.78
CA GLU B 230 -15.26 -12.73 -8.59
C GLU B 230 -14.89 -13.77 -9.66
N ALA B 231 -13.72 -13.61 -10.31
CA ALA B 231 -13.26 -14.53 -11.34
C ALA B 231 -12.79 -15.87 -10.75
N SER B 232 -12.31 -15.86 -9.51
CA SER B 232 -11.94 -17.09 -8.81
C SER B 232 -13.17 -17.95 -8.50
N GLN B 233 -14.35 -17.32 -8.40
CA GLN B 233 -15.59 -18.02 -8.05
C GLN B 233 -16.46 -18.34 -9.26
N LYS B 234 -16.50 -17.44 -10.24
CA LYS B 234 -17.36 -17.58 -11.40
C LYS B 234 -16.49 -17.83 -12.63
N CYS B 235 -16.44 -19.08 -13.09
CA CYS B 235 -15.49 -19.50 -14.12
C CYS B 235 -15.80 -18.89 -15.50
N ASP B 236 -17.02 -18.39 -15.69
CA ASP B 236 -17.39 -17.64 -16.91
C ASP B 236 -16.84 -16.21 -16.92
N LEU B 237 -16.19 -15.76 -15.84
CA LEU B 237 -15.58 -14.43 -15.75
C LEU B 237 -14.06 -14.52 -15.61
N VAL B 238 -13.38 -13.54 -16.18
CA VAL B 238 -11.93 -13.45 -16.10
C VAL B 238 -11.52 -11.99 -16.04
N THR B 239 -10.41 -11.73 -15.34
CA THR B 239 -9.75 -10.44 -15.40
C THR B 239 -8.82 -10.47 -16.61
N THR B 240 -8.50 -9.28 -17.12
CA THR B 240 -7.55 -9.14 -18.23
C THR B 240 -6.70 -7.88 -18.04
N GLY B 241 -5.44 -7.99 -18.51
CA GLY B 241 -4.47 -6.93 -18.42
C GLY B 241 -3.79 -6.92 -17.06
N GLU B 242 -2.77 -6.07 -16.93
CA GLU B 242 -2.03 -5.94 -15.67
C GLU B 242 -2.84 -5.07 -14.71
N LEU B 243 -2.57 -5.20 -13.39
CA LEU B 243 -2.97 -4.20 -12.42
C LEU B 243 -2.50 -2.86 -12.96
N PHE B 244 -3.35 -1.85 -12.85
CA PHE B 244 -2.94 -0.47 -13.04
C PHE B 244 -3.53 0.38 -11.92
N PHE B 245 -2.96 1.59 -11.76
CA PHE B 245 -3.36 2.54 -10.74
C PHE B 245 -3.28 1.91 -9.34
N ARG B 246 -2.15 1.26 -9.08
CA ARG B 246 -1.96 0.52 -7.84
C ARG B 246 -2.07 1.50 -6.70
N SER B 247 -2.79 1.08 -5.67
CA SER B 247 -3.25 1.96 -4.60
C SER B 247 -3.80 1.11 -3.47
N GLY B 248 -4.19 1.76 -2.37
CA GLY B 248 -4.54 1.06 -1.14
C GLY B 248 -6.00 1.31 -0.76
N PHE B 249 -6.51 0.43 0.10
CA PHE B 249 -7.74 0.70 0.82
C PHE B 249 -7.35 1.15 2.22
N GLY B 250 -8.08 2.12 2.76
CA GLY B 250 -7.81 2.64 4.09
C GLY B 250 -9.11 2.82 4.86
N ILE B 251 -8.99 2.75 6.20
CA ILE B 251 -10.03 3.16 7.11
C ILE B 251 -10.15 4.68 7.00
N GLY B 252 -11.39 5.16 7.01
CA GLY B 252 -11.69 6.58 6.89
C GLY B 252 -12.23 7.13 8.22
N MET B 253 -11.65 8.25 8.65
CA MET B 253 -12.07 8.98 9.85
C MET B 253 -12.00 10.48 9.59
N ARG B 254 -12.78 11.25 10.37
CA ARG B 254 -12.67 12.71 10.36
C ARG B 254 -11.28 13.12 10.87
N LYS B 255 -10.81 14.27 10.36
CA LYS B 255 -9.47 14.77 10.69
C LYS B 255 -9.24 14.95 12.20
N ASP B 256 -10.28 15.26 12.98
CA ASP B 256 -10.07 15.46 14.42
C ASP B 256 -10.42 14.22 15.24
N SER B 257 -10.63 13.07 14.59
CA SER B 257 -10.90 11.83 15.29
C SER B 257 -9.78 11.53 16.29
N PRO B 258 -10.08 11.20 17.56
CA PRO B 258 -9.02 10.87 18.52
C PRO B 258 -8.48 9.44 18.35
N TRP B 259 -9.13 8.65 17.49
CA TRP B 259 -8.76 7.26 17.23
C TRP B 259 -7.70 7.14 16.14
N LYS B 260 -7.30 8.23 15.48
CA LYS B 260 -6.61 8.10 14.19
C LYS B 260 -5.24 7.41 14.31
N GLN B 261 -4.42 7.75 15.32
CA GLN B 261 -3.10 7.16 15.47
C GLN B 261 -3.27 5.65 15.70
N ASN B 262 -4.15 5.30 16.65
CA ASN B 262 -4.28 3.93 17.08
C ASN B 262 -4.86 3.04 15.97
N VAL B 263 -5.72 3.61 15.11
CA VAL B 263 -6.23 2.87 13.97
C VAL B 263 -5.06 2.46 13.08
N SER B 264 -4.18 3.40 12.71
CA SER B 264 -3.06 3.08 11.83
C SER B 264 -2.09 2.09 12.48
N LEU B 265 -1.80 2.28 13.77
CA LEU B 265 -0.86 1.38 14.44
C LEU B 265 -1.38 -0.05 14.40
N SER B 266 -2.69 -0.17 14.62
CA SER B 266 -3.34 -1.48 14.67
C SER B 266 -3.27 -2.16 13.31
N ILE B 267 -3.47 -1.38 12.24
CA ILE B 267 -3.39 -1.90 10.87
C ILE B 267 -1.97 -2.33 10.56
N LEU B 268 -0.98 -1.52 10.94
CA LEU B 268 0.42 -1.89 10.75
C LEU B 268 0.73 -3.16 11.54
N LYS B 269 0.28 -3.21 12.82
CA LYS B 269 0.52 -4.38 13.64
C LYS B 269 -0.04 -5.65 12.96
N SER B 270 -1.25 -5.52 12.37
CA SER B 270 -1.96 -6.65 11.80
C SER B 270 -1.30 -7.16 10.51
N HIS B 271 -0.75 -6.25 9.71
CA HIS B 271 0.05 -6.68 8.56
C HIS B 271 1.26 -7.48 9.05
N GLU B 272 1.96 -6.96 10.05
CA GLU B 272 3.24 -7.50 10.47
C GLU B 272 3.11 -8.84 11.20
N ASN B 273 2.01 -9.08 11.94
CA ASN B 273 1.83 -10.29 12.73
C ASN B 273 1.08 -11.39 11.97
N GLY B 274 0.75 -11.17 10.69
CA GLY B 274 0.05 -12.18 9.88
C GLY B 274 -1.48 -12.11 9.92
N PHE B 275 -2.07 -11.17 10.67
CA PHE B 275 -3.53 -11.14 10.78
C PHE B 275 -4.16 -10.79 9.43
N MET B 276 -3.61 -9.79 8.72
CA MET B 276 -4.17 -9.37 7.44
C MET B 276 -4.03 -10.51 6.44
N GLU B 277 -2.89 -11.22 6.47
CA GLU B 277 -2.73 -12.41 5.67
C GLU B 277 -3.78 -13.47 6.01
N ASP B 278 -4.08 -13.69 7.30
CA ASP B 278 -5.13 -14.61 7.70
C ASP B 278 -6.49 -14.25 7.11
N LEU B 279 -6.83 -12.95 7.15
CA LEU B 279 -8.06 -12.45 6.53
C LEU B 279 -8.07 -12.72 5.02
N ASP B 280 -6.90 -12.59 4.38
CA ASP B 280 -6.80 -12.81 2.95
C ASP B 280 -7.02 -14.30 2.65
N LYS B 281 -6.52 -15.18 3.52
CA LYS B 281 -6.72 -16.62 3.37
C LYS B 281 -8.15 -17.06 3.72
N THR B 282 -8.84 -16.34 4.63
CA THR B 282 -10.22 -16.66 4.96
C THR B 282 -11.19 -16.19 3.87
N TRP B 283 -11.01 -14.98 3.33
CA TRP B 283 -12.05 -14.31 2.54
C TRP B 283 -11.69 -14.13 1.06
N VAL B 284 -10.39 -14.13 0.72
CA VAL B 284 -9.95 -13.76 -0.62
C VAL B 284 -9.32 -14.93 -1.39
N ARG B 285 -8.38 -15.63 -0.75
CA ARG B 285 -7.60 -16.69 -1.39
C ARG B 285 -8.52 -17.79 -1.95
#